data_9REG
#
_entry.id   9REG
#
_cell.length_a   51.900
_cell.length_b   71.891
_cell.length_c   97.713
_cell.angle_alpha   90.000
_cell.angle_beta   90.000
_cell.angle_gamma   90.000
#
_symmetry.space_group_name_H-M   'P 21 21 21'
#
loop_
_entity.id
_entity.type
_entity.pdbx_description
1 polymer 'cAMP-dependent protein kinase catalytic subunit alpha'
2 non-polymer 1-[[(2~{R},3~{R},4~{R})-3-azanyl-4-oxidanyl-oxolan-2-yl]methyl]-3-phenyl-urea
3 non-polymer 'DIMETHYL SULFOXIDE'
4 water water
#
_entity_poly.entity_id   1
_entity_poly.type   'polypeptide(L)'
_entity_poly.pdbx_seq_one_letter_code
;GHMGNAAAAKKGSEQESVKEFLAKAKEEFLKKWESPSQNTAQLDHFDRIKTLGTGSFGRVMLVKHKETGNHYAMKILDKQ
KVVKLKQIEHTLNEKRILQAVNFPFLVKLEFSFKDNSNLYMVMEYVPGGEMFSHLRRIGRF(SEP)EPHARFYAAQIVLT
FEYLHSLDLIYRDLKPENLLIDQQGYIQVTDFGFAKRVKGRTW(TPO)LCGTPEYLAPEIILSKGYNKAVDWWALGVLIY
EMAAGYPPFFADQPIQIYEKIVSGKVRFPSHFSSDLKDLLRNLLQVDLTKRFGNLKNGVNDIKNHKWFATTDWIAIYQRK
VEAPFIPKFKGPGDTSNFDDYEEEEIRV(SEP)INEKCGKEFTEF
;
_entity_poly.pdbx_strand_id   A
#
loop_
_chem_comp.id
_chem_comp.type
_chem_comp.name
_chem_comp.formula
A1JEP non-polymer 1-[[(2~{R},3~{R},4~{R})-3-azanyl-4-oxidanyl-oxolan-2-yl]methyl]-3-phenyl-urea 'C12 H17 N3 O3'
DMS non-polymer 'DIMETHYL SULFOXIDE' 'C2 H6 O S'
#
# COMPACT_ATOMS: atom_id res chain seq x y z
N GLU A 14 -22.46 8.03 11.98
CA GLU A 14 -21.19 8.77 11.82
C GLU A 14 -21.39 10.24 12.14
N GLN A 15 -20.48 10.84 12.91
CA GLN A 15 -20.62 12.24 13.24
C GLN A 15 -20.44 13.09 12.00
N GLU A 16 -21.21 14.18 11.97
CA GLU A 16 -21.16 15.11 10.86
C GLU A 16 -19.74 15.58 10.59
N SER A 17 -18.88 15.66 11.62
CA SER A 17 -17.52 16.12 11.32
C SER A 17 -16.80 15.15 10.40
N VAL A 18 -17.10 13.84 10.55
CA VAL A 18 -16.48 12.83 9.70
C VAL A 18 -17.07 12.87 8.30
N LYS A 19 -18.41 12.98 8.21
CA LYS A 19 -19.08 13.11 6.92
C LYS A 19 -18.56 14.32 6.15
N GLU A 20 -18.38 15.47 6.82
CA GLU A 20 -17.91 16.65 6.11
C GLU A 20 -16.46 16.52 5.68
N PHE A 21 -15.62 15.91 6.54
CA PHE A 21 -14.26 15.64 6.14
C PHE A 21 -14.23 14.80 4.86
N LEU A 22 -15.01 13.72 4.80
CA LEU A 22 -14.93 12.86 3.62
C LEU A 22 -15.54 13.53 2.38
N ALA A 23 -16.55 14.40 2.58
CA ALA A 23 -17.11 15.12 1.45
C ALA A 23 -16.08 16.06 0.84
N LYS A 24 -15.35 16.81 1.69
CA LYS A 24 -14.28 17.67 1.20
C LYS A 24 -13.18 16.85 0.56
N ALA A 25 -12.82 15.71 1.16
CA ALA A 25 -11.76 14.88 0.59
C ALA A 25 -12.11 14.44 -0.83
N LYS A 26 -13.40 14.10 -1.05
CA LYS A 26 -13.80 13.64 -2.38
C LYS A 26 -13.80 14.79 -3.38
N GLU A 27 -14.24 16.00 -2.95
CA GLU A 27 -14.20 17.18 -3.83
C GLU A 27 -12.76 17.46 -4.28
N GLU A 28 -11.81 17.43 -3.35
CA GLU A 28 -10.42 17.75 -3.68
C GLU A 28 -9.79 16.69 -4.57
N PHE A 29 -10.08 15.41 -4.29
CA PHE A 29 -9.64 14.31 -5.14
C PHE A 29 -10.17 14.47 -6.56
N LEU A 30 -11.47 14.73 -6.69
CA LEU A 30 -12.05 14.79 -8.04
C LEU A 30 -11.46 15.92 -8.87
N LYS A 31 -11.17 17.06 -8.26
CA LYS A 31 -10.61 18.16 -9.05
C LYS A 31 -9.25 17.77 -9.65
N LYS A 32 -8.38 17.14 -8.88
CA LYS A 32 -7.10 16.68 -9.43
C LYS A 32 -7.26 15.47 -10.34
N TRP A 33 -8.24 14.58 -10.07
CA TRP A 33 -8.50 13.43 -10.92
C TRP A 33 -8.89 13.86 -12.33
N GLU A 34 -9.74 14.88 -12.43
N GLU A 34 -9.70 14.91 -12.44
CA GLU A 34 -10.24 15.34 -13.73
CA GLU A 34 -10.17 15.34 -13.76
C GLU A 34 -9.18 16.09 -14.51
C GLU A 34 -9.19 16.24 -14.49
N SER A 35 -8.20 16.69 -13.82
N SER A 35 -8.15 16.75 -13.82
CA SER A 35 -7.17 17.50 -14.47
CA SER A 35 -7.12 17.57 -14.48
C SER A 35 -5.80 17.14 -13.91
C SER A 35 -5.74 17.18 -13.96
N PRO A 36 -5.23 16.02 -14.34
CA PRO A 36 -3.98 15.54 -13.71
C PRO A 36 -2.76 16.38 -14.04
N SER A 37 -1.87 16.49 -13.05
CA SER A 37 -0.57 17.12 -13.36
C SER A 37 0.30 16.20 -14.22
N GLN A 38 1.17 16.80 -15.02
CA GLN A 38 2.03 16.07 -15.93
C GLN A 38 3.35 16.83 -16.02
N ASN A 39 4.44 16.07 -16.21
CA ASN A 39 5.71 16.63 -16.68
C ASN A 39 6.24 17.72 -15.74
N THR A 40 6.37 17.41 -14.47
CA THR A 40 6.74 18.40 -13.48
C THR A 40 8.21 18.33 -13.03
N ALA A 41 9.03 17.45 -13.60
CA ALA A 41 10.49 17.48 -13.39
C ALA A 41 11.15 16.81 -14.58
N GLN A 42 12.46 16.59 -14.51
CA GLN A 42 13.17 15.78 -15.52
C GLN A 42 14.34 15.04 -14.86
N LEU A 43 14.85 14.01 -15.56
CA LEU A 43 15.79 13.08 -14.91
C LEU A 43 17.07 13.79 -14.49
N ASP A 44 17.59 14.71 -15.35
CA ASP A 44 18.89 15.32 -15.05
C ASP A 44 18.81 16.42 -13.99
N HIS A 45 17.65 16.56 -13.33
CA HIS A 45 17.57 17.38 -12.13
C HIS A 45 17.98 16.61 -10.87
N PHE A 46 18.27 15.32 -10.99
CA PHE A 46 18.51 14.45 -9.83
C PHE A 46 19.83 13.70 -9.99
N ASP A 47 20.50 13.47 -8.85
CA ASP A 47 21.59 12.50 -8.75
C ASP A 47 21.01 11.18 -8.25
N ARG A 48 21.43 10.05 -8.85
CA ARG A 48 21.01 8.72 -8.42
C ARG A 48 21.95 8.24 -7.32
N ILE A 49 21.39 7.74 -6.22
N ILE A 49 21.39 7.67 -6.23
CA ILE A 49 22.17 7.31 -5.07
CA ILE A 49 22.18 7.29 -5.05
C ILE A 49 22.18 5.80 -4.93
C ILE A 49 22.17 5.79 -4.81
N LYS A 50 21.00 5.16 -4.87
CA LYS A 50 20.96 3.74 -4.50
C LYS A 50 19.61 3.11 -4.89
N THR A 51 19.63 1.85 -5.30
CA THR A 51 18.37 1.14 -5.57
C THR A 51 17.77 0.63 -4.25
N LEU A 52 16.49 0.99 -4.01
CA LEU A 52 15.75 0.62 -2.80
C LEU A 52 14.81 -0.56 -3.00
N GLY A 53 14.47 -0.90 -4.23
CA GLY A 53 13.62 -2.05 -4.50
C GLY A 53 13.61 -2.30 -5.99
N THR A 54 13.33 -3.54 -6.39
CA THR A 54 13.23 -3.86 -7.80
C THR A 54 12.03 -4.78 -8.05
N GLY A 55 11.55 -4.74 -9.29
CA GLY A 55 10.46 -5.59 -9.75
C GLY A 55 10.63 -6.00 -11.21
N SER A 56 9.63 -6.67 -11.80
CA SER A 56 9.76 -7.14 -13.17
C SER A 56 9.71 -6.03 -14.23
N PHE A 57 9.11 -4.88 -13.95
CA PHE A 57 9.09 -3.81 -14.94
C PHE A 57 9.54 -2.47 -14.39
N GLY A 58 9.92 -2.40 -13.11
CA GLY A 58 10.29 -1.16 -12.48
C GLY A 58 11.28 -1.33 -11.34
N ARG A 59 11.82 -0.19 -10.91
N ARG A 59 11.78 -0.20 -10.86
CA ARG A 59 12.68 -0.10 -9.72
CA ARG A 59 12.57 -0.18 -9.64
C ARG A 59 12.31 1.15 -8.95
C ARG A 59 12.40 1.16 -8.97
N VAL A 60 12.75 1.23 -7.70
CA VAL A 60 12.67 2.47 -6.92
C VAL A 60 14.09 2.81 -6.47
N MET A 61 14.51 4.06 -6.69
N MET A 61 14.48 4.07 -6.66
CA MET A 61 15.85 4.50 -6.32
CA MET A 61 15.82 4.57 -6.39
C MET A 61 15.81 5.72 -5.43
C MET A 61 15.75 5.71 -5.38
N LEU A 62 16.69 5.75 -4.44
CA LEU A 62 16.94 7.01 -3.72
C LEU A 62 17.68 7.95 -4.66
N VAL A 63 17.17 9.18 -4.78
CA VAL A 63 17.79 10.25 -5.56
C VAL A 63 17.88 11.50 -4.70
N LYS A 64 18.74 12.43 -5.14
CA LYS A 64 18.87 13.74 -4.51
C LYS A 64 18.68 14.82 -5.57
N HIS A 65 17.78 15.77 -5.29
CA HIS A 65 17.59 16.88 -6.23
C HIS A 65 18.79 17.79 -6.17
N LYS A 66 19.37 18.08 -7.35
CA LYS A 66 20.67 18.77 -7.39
C LYS A 66 20.60 20.20 -6.88
N GLU A 67 19.48 20.89 -7.08
CA GLU A 67 19.46 22.29 -6.68
C GLU A 67 19.04 22.45 -5.22
N THR A 68 18.04 21.70 -4.75
CA THR A 68 17.57 21.90 -3.38
C THR A 68 18.28 21.01 -2.36
N GLY A 69 18.90 19.92 -2.80
CA GLY A 69 19.47 18.93 -1.93
C GLY A 69 18.47 18.00 -1.31
N ASN A 70 17.18 18.10 -1.67
CA ASN A 70 16.23 17.20 -1.05
C ASN A 70 16.32 15.77 -1.59
N HIS A 71 16.08 14.80 -0.71
CA HIS A 71 16.04 13.40 -1.12
C HIS A 71 14.63 12.98 -1.50
N TYR A 72 14.53 12.07 -2.47
CA TYR A 72 13.26 11.51 -2.90
C TYR A 72 13.45 10.05 -3.26
N ALA A 73 12.32 9.32 -3.30
CA ALA A 73 12.31 7.98 -3.86
C ALA A 73 11.72 8.03 -5.27
N MET A 74 12.51 7.69 -6.29
CA MET A 74 12.07 7.77 -7.67
C MET A 74 11.76 6.39 -8.19
N LYS A 75 10.48 6.15 -8.55
CA LYS A 75 10.06 4.89 -9.16
C LYS A 75 10.22 5.05 -10.68
N ILE A 76 10.95 4.10 -11.30
CA ILE A 76 11.26 4.16 -12.74
C ILE A 76 10.64 2.92 -13.36
N LEU A 77 9.74 3.12 -14.32
CA LEU A 77 9.08 2.01 -15.01
C LEU A 77 9.54 1.99 -16.47
N ASP A 78 9.98 0.83 -16.96
CA ASP A 78 10.41 0.71 -18.35
C ASP A 78 9.18 0.52 -19.24
N LYS A 79 8.92 1.48 -20.13
CA LYS A 79 7.66 1.44 -20.93
C LYS A 79 7.52 0.13 -21.70
N GLN A 80 8.60 -0.34 -22.32
CA GLN A 80 8.47 -1.55 -23.14
C GLN A 80 8.12 -2.77 -22.27
N LYS A 81 8.70 -2.84 -21.05
CA LYS A 81 8.37 -3.95 -20.14
C LYS A 81 6.95 -3.82 -19.63
N VAL A 82 6.50 -2.59 -19.35
CA VAL A 82 5.11 -2.42 -18.92
C VAL A 82 4.15 -2.94 -19.99
N VAL A 83 4.44 -2.65 -21.26
CA VAL A 83 3.58 -3.14 -22.35
C VAL A 83 3.60 -4.67 -22.41
N LYS A 84 4.81 -5.25 -22.38
CA LYS A 84 4.92 -6.70 -22.51
C LYS A 84 4.18 -7.42 -21.39
N LEU A 85 4.22 -6.89 -20.17
CA LEU A 85 3.60 -7.52 -19.01
C LEU A 85 2.15 -7.06 -18.82
N LYS A 86 1.59 -6.36 -19.80
CA LYS A 86 0.17 -6.00 -19.82
C LYS A 86 -0.21 -5.13 -18.62
N GLN A 87 0.68 -4.18 -18.26
CA GLN A 87 0.45 -3.28 -17.14
C GLN A 87 0.20 -1.83 -17.57
N ILE A 88 -0.16 -1.57 -18.83
CA ILE A 88 -0.34 -0.18 -19.26
C ILE A 88 -1.41 0.53 -18.42
N GLU A 89 -2.62 -0.04 -18.36
CA GLU A 89 -3.71 0.62 -17.64
C GLU A 89 -3.36 0.74 -16.15
N HIS A 90 -2.74 -0.29 -15.58
CA HIS A 90 -2.36 -0.25 -14.17
C HIS A 90 -1.37 0.88 -13.88
N THR A 91 -0.39 1.12 -14.78
N THR A 91 -0.40 1.09 -14.77
CA THR A 91 0.58 2.19 -14.51
CA THR A 91 0.56 2.15 -14.56
C THR A 91 -0.06 3.56 -14.68
C THR A 91 -0.10 3.52 -14.66
N LEU A 92 -0.99 3.69 -15.64
CA LEU A 92 -1.72 4.94 -15.77
C LEU A 92 -2.61 5.19 -14.55
N ASN A 93 -3.27 4.15 -14.04
CA ASN A 93 -4.03 4.28 -12.78
C ASN A 93 -3.13 4.77 -11.66
N GLU A 94 -1.95 4.14 -11.49
CA GLU A 94 -1.08 4.44 -10.34
C GLU A 94 -0.76 5.93 -10.32
N LYS A 95 -0.32 6.47 -11.45
CA LYS A 95 0.09 7.86 -11.42
C LYS A 95 -1.11 8.81 -11.28
N ARG A 96 -2.21 8.50 -11.98
CA ARG A 96 -3.35 9.42 -11.91
C ARG A 96 -3.94 9.45 -10.49
N ILE A 97 -3.98 8.32 -9.81
CA ILE A 97 -4.47 8.27 -8.43
C ILE A 97 -3.48 8.98 -7.51
N LEU A 98 -2.17 8.66 -7.60
CA LEU A 98 -1.22 9.24 -6.66
C LEU A 98 -1.17 10.75 -6.75
N GLN A 99 -1.30 11.31 -7.97
CA GLN A 99 -1.24 12.74 -8.06
C GLN A 99 -2.52 13.40 -7.56
N ALA A 100 -3.58 12.62 -7.29
CA ALA A 100 -4.85 13.21 -6.86
C ALA A 100 -5.18 12.99 -5.37
N VAL A 101 -4.49 12.07 -4.66
CA VAL A 101 -4.86 11.76 -3.27
C VAL A 101 -4.06 12.61 -2.31
N ASN A 102 -4.55 12.65 -1.06
CA ASN A 102 -3.89 13.42 0.00
C ASN A 102 -4.39 12.86 1.33
N PHE A 103 -3.52 12.16 2.07
CA PHE A 103 -3.97 11.60 3.34
C PHE A 103 -2.70 11.32 4.17
N PRO A 104 -2.76 11.38 5.50
CA PRO A 104 -1.51 11.32 6.30
C PRO A 104 -0.73 10.04 6.12
N PHE A 105 -1.38 8.93 5.76
CA PHE A 105 -0.71 7.62 5.77
C PHE A 105 -0.51 7.11 4.34
N LEU A 106 -0.49 8.01 3.36
CA LEU A 106 -0.16 7.66 1.96
C LEU A 106 1.13 8.34 1.56
N VAL A 107 2.00 7.63 0.83
CA VAL A 107 3.19 8.28 0.28
C VAL A 107 2.77 9.45 -0.61
N LYS A 108 3.55 10.51 -0.58
CA LYS A 108 3.25 11.71 -1.34
C LYS A 108 4.04 11.73 -2.65
N LEU A 109 3.32 11.82 -3.75
CA LEU A 109 3.92 12.06 -5.06
C LEU A 109 4.28 13.52 -5.20
N GLU A 110 5.57 13.80 -5.45
CA GLU A 110 6.02 15.18 -5.62
C GLU A 110 6.18 15.58 -7.07
N PHE A 111 6.65 14.68 -7.94
CA PHE A 111 6.81 15.00 -9.36
C PHE A 111 6.50 13.77 -10.18
N SER A 112 6.18 13.97 -11.47
CA SER A 112 6.16 12.84 -12.40
C SER A 112 6.56 13.35 -13.78
N PHE A 113 7.09 12.42 -14.59
CA PHE A 113 7.50 12.80 -15.94
C PHE A 113 7.80 11.53 -16.70
N LYS A 114 8.06 11.65 -17.99
CA LYS A 114 8.45 10.49 -18.81
C LYS A 114 9.50 10.92 -19.81
N ASP A 115 10.17 9.96 -20.42
CA ASP A 115 11.16 10.24 -21.47
C ASP A 115 11.03 9.19 -22.54
N ASN A 116 12.02 9.06 -23.42
CA ASN A 116 11.86 8.13 -24.53
C ASN A 116 11.64 6.70 -24.04
N SER A 117 12.22 6.33 -22.88
CA SER A 117 12.20 4.92 -22.45
C SER A 117 11.33 4.65 -21.23
N ASN A 118 11.22 5.59 -20.29
CA ASN A 118 10.72 5.24 -18.97
C ASN A 118 9.63 6.22 -18.53
N LEU A 119 8.88 5.77 -17.52
CA LEU A 119 7.97 6.62 -16.75
C LEU A 119 8.56 6.82 -15.37
N TYR A 120 8.35 8.00 -14.79
CA TYR A 120 8.97 8.33 -13.48
C TYR A 120 7.94 8.91 -12.54
N MET A 121 7.92 8.37 -11.30
CA MET A 121 7.11 8.94 -10.21
C MET A 121 8.06 9.23 -9.06
N VAL A 122 8.21 10.50 -8.71
CA VAL A 122 9.17 10.92 -7.67
C VAL A 122 8.37 11.19 -6.40
N MET A 123 8.60 10.36 -5.37
CA MET A 123 7.83 10.36 -4.14
C MET A 123 8.70 10.88 -3.00
N GLU A 124 8.08 11.32 -1.91
CA GLU A 124 8.88 11.62 -0.73
C GLU A 124 9.61 10.35 -0.26
N TYR A 125 10.83 10.52 0.23
CA TYR A 125 11.59 9.37 0.72
C TYR A 125 11.24 9.11 2.19
N VAL A 126 11.05 7.84 2.52
CA VAL A 126 10.66 7.43 3.87
C VAL A 126 11.80 6.56 4.39
N PRO A 127 12.57 7.05 5.36
N PRO A 127 12.70 7.08 5.24
CA PRO A 127 13.87 6.42 5.67
CA PRO A 127 13.93 6.31 5.54
C PRO A 127 13.79 5.23 6.58
C PRO A 127 13.77 5.13 6.48
N GLY A 128 12.63 4.96 7.16
CA GLY A 128 12.54 3.87 8.14
C GLY A 128 12.45 2.49 7.56
N GLY A 129 12.25 2.37 6.25
CA GLY A 129 12.17 1.06 5.62
C GLY A 129 10.74 0.49 5.65
N GLU A 130 10.66 -0.74 5.16
CA GLU A 130 9.40 -1.46 5.05
C GLU A 130 9.01 -2.11 6.36
N MET A 131 7.70 -2.15 6.65
CA MET A 131 7.25 -2.87 7.83
C MET A 131 7.71 -4.30 7.80
N PHE A 132 7.76 -4.90 6.59
CA PHE A 132 8.18 -6.30 6.43
C PHE A 132 9.51 -6.59 7.14
N SER A 133 10.52 -5.74 6.91
N SER A 133 10.52 -5.73 6.93
CA SER A 133 11.83 -5.94 7.53
CA SER A 133 11.82 -6.01 7.54
C SER A 133 11.72 -5.91 9.05
C SER A 133 11.77 -5.88 9.06
N HIS A 134 10.99 -4.92 9.58
CA HIS A 134 10.90 -4.81 11.03
C HIS A 134 10.14 -5.99 11.63
N LEU A 135 9.07 -6.43 10.97
CA LEU A 135 8.30 -7.57 11.45
C LEU A 135 9.17 -8.82 11.49
N ARG A 136 9.90 -9.09 10.40
CA ARG A 136 10.71 -10.29 10.35
C ARG A 136 11.87 -10.22 11.36
N ARG A 137 12.40 -9.02 11.61
N ARG A 137 12.45 -9.03 11.56
CA ARG A 137 13.52 -8.87 12.56
CA ARG A 137 13.49 -8.86 12.57
C ARG A 137 13.06 -9.07 14.00
C ARG A 137 12.96 -9.23 13.95
N ILE A 138 11.87 -8.58 14.37
CA ILE A 138 11.35 -8.69 15.75
C ILE A 138 10.61 -10.01 15.96
N GLY A 139 10.05 -10.59 14.90
CA GLY A 139 9.33 -11.85 14.98
C GLY A 139 7.84 -11.64 14.79
N ARG A 140 7.23 -11.02 15.78
CA ARG A 140 5.82 -10.61 15.71
C ARG A 140 5.67 -9.33 16.50
N PHE A 141 4.60 -8.57 16.20
CA PHE A 141 4.27 -7.39 16.98
C PHE A 141 3.26 -7.76 18.06
N SEP A 142 3.37 -7.11 19.21
CA SEP A 142 2.35 -7.27 20.25
CB SEP A 142 2.75 -6.50 21.51
OG SEP A 142 2.65 -5.10 21.20
C SEP A 142 1.00 -6.74 19.70
O SEP A 142 0.97 -5.98 18.72
P SEP A 142 3.27 -4.06 22.29
O1P SEP A 142 3.10 -2.60 21.70
O2P SEP A 142 2.66 -4.28 23.73
O3P SEP A 142 4.84 -4.43 22.30
N GLU A 143 -0.09 -7.11 20.36
CA GLU A 143 -1.41 -6.61 19.86
C GLU A 143 -1.52 -5.09 19.84
N PRO A 144 -1.01 -4.37 20.86
CA PRO A 144 -1.08 -2.88 20.78
C PRO A 144 -0.31 -2.34 19.61
N HIS A 145 0.84 -2.94 19.32
CA HIS A 145 1.66 -2.46 18.22
C HIS A 145 1.00 -2.76 16.88
N ALA A 146 0.49 -3.99 16.71
CA ALA A 146 -0.26 -4.34 15.50
C ALA A 146 -1.49 -3.44 15.35
N ARG A 147 -2.17 -3.14 16.48
CA ARG A 147 -3.39 -2.35 16.44
C ARG A 147 -3.11 -0.90 16.05
N PHE A 148 -1.97 -0.33 16.47
CA PHE A 148 -1.57 1.00 16.05
C PHE A 148 -1.44 1.08 14.51
N TYR A 149 -0.76 0.11 13.90
CA TYR A 149 -0.66 0.07 12.44
C TYR A 149 -2.01 -0.20 11.78
N ALA A 150 -2.76 -1.17 12.33
CA ALA A 150 -4.05 -1.53 11.73
C ALA A 150 -4.99 -0.35 11.70
N ALA A 151 -4.99 0.47 12.75
CA ALA A 151 -5.86 1.64 12.79
C ALA A 151 -5.56 2.61 11.65
N GLN A 152 -4.28 2.77 11.31
CA GLN A 152 -3.93 3.65 10.20
C GLN A 152 -4.42 3.07 8.88
N ILE A 153 -4.32 1.74 8.71
CA ILE A 153 -4.84 1.13 7.49
C ILE A 153 -6.36 1.26 7.43
N VAL A 154 -7.08 1.10 8.55
CA VAL A 154 -8.53 1.27 8.54
C VAL A 154 -8.90 2.68 8.07
N LEU A 155 -8.25 3.71 8.65
CA LEU A 155 -8.55 5.09 8.24
C LEU A 155 -8.19 5.32 6.78
N THR A 156 -7.05 4.77 6.32
CA THR A 156 -6.64 4.95 4.92
C THR A 156 -7.63 4.29 3.95
N PHE A 157 -8.13 3.07 4.28
CA PHE A 157 -9.13 2.43 3.43
C PHE A 157 -10.47 3.16 3.49
N GLU A 158 -10.85 3.71 4.67
CA GLU A 158 -12.07 4.51 4.72
C GLU A 158 -11.94 5.70 3.74
N TYR A 159 -10.78 6.37 3.75
CA TYR A 159 -10.52 7.47 2.82
C TYR A 159 -10.56 7.00 1.36
N LEU A 160 -9.77 5.97 1.02
CA LEU A 160 -9.70 5.51 -0.38
C LEU A 160 -11.06 5.04 -0.87
N HIS A 161 -11.73 4.18 -0.08
CA HIS A 161 -13.02 3.67 -0.50
C HIS A 161 -14.05 4.78 -0.68
N SER A 162 -13.98 5.85 0.11
CA SER A 162 -14.96 6.92 -0.05
C SER A 162 -14.76 7.64 -1.38
N LEU A 163 -13.56 7.56 -1.94
CA LEU A 163 -13.26 8.12 -3.25
C LEU A 163 -13.51 7.13 -4.38
N ASP A 164 -14.11 5.98 -4.06
CA ASP A 164 -14.34 4.90 -5.03
C ASP A 164 -13.03 4.24 -5.49
N LEU A 165 -12.00 4.27 -4.67
CA LEU A 165 -10.72 3.65 -4.99
C LEU A 165 -10.56 2.33 -4.23
N ILE A 166 -10.11 1.30 -4.94
CA ILE A 166 -9.73 0.01 -4.32
C ILE A 166 -8.20 -0.06 -4.41
N TYR A 167 -7.55 -0.47 -3.33
CA TYR A 167 -6.08 -0.44 -3.25
C TYR A 167 -5.43 -1.70 -3.82
N ARG A 168 -5.87 -2.89 -3.36
CA ARG A 168 -5.53 -4.19 -3.99
C ARG A 168 -4.07 -4.65 -3.86
N ASP A 169 -3.24 -3.98 -3.09
CA ASP A 169 -1.87 -4.50 -2.90
C ASP A 169 -1.42 -4.46 -1.44
N LEU A 170 -2.33 -4.64 -0.49
CA LEU A 170 -1.89 -4.58 0.93
C LEU A 170 -1.02 -5.79 1.26
N LYS A 171 0.15 -5.52 1.81
CA LYS A 171 1.10 -6.52 2.29
C LYS A 171 2.17 -5.76 3.06
N PRO A 172 2.94 -6.42 3.94
CA PRO A 172 3.87 -5.67 4.80
C PRO A 172 4.95 -4.93 4.04
N GLU A 173 5.33 -5.44 2.85
CA GLU A 173 6.38 -4.77 2.07
C GLU A 173 5.95 -3.39 1.60
N ASN A 174 4.64 -3.15 1.47
CA ASN A 174 4.15 -1.88 0.93
C ASN A 174 3.83 -0.87 2.02
N LEU A 175 4.17 -1.15 3.27
CA LEU A 175 3.89 -0.23 4.36
C LEU A 175 5.22 0.31 4.88
N LEU A 176 5.53 1.55 4.58
CA LEU A 176 6.82 2.12 5.01
C LEU A 176 6.64 2.77 6.39
N ILE A 177 7.72 2.82 7.18
N ILE A 177 7.70 2.76 7.20
CA ILE A 177 7.67 3.37 8.53
CA ILE A 177 7.66 3.36 8.53
C ILE A 177 8.44 4.67 8.55
C ILE A 177 8.42 4.67 8.47
N ASP A 178 7.75 5.75 8.88
CA ASP A 178 8.36 7.07 8.81
C ASP A 178 9.13 7.42 10.09
N GLN A 179 9.66 8.65 10.10
CA GLN A 179 10.52 9.06 11.23
C GLN A 179 9.77 9.16 12.56
N GLN A 180 8.45 9.29 12.53
CA GLN A 180 7.64 9.32 13.74
C GLN A 180 7.05 7.95 14.07
N GLY A 181 7.41 6.91 13.29
CA GLY A 181 6.89 5.57 13.50
C GLY A 181 5.51 5.31 12.91
N TYR A 182 4.97 6.23 12.10
CA TYR A 182 3.67 6.05 11.43
C TYR A 182 3.88 5.43 10.05
N ILE A 183 2.79 4.92 9.48
N ILE A 183 2.78 4.89 9.50
CA ILE A 183 2.83 4.24 8.18
CA ILE A 183 2.76 4.16 8.24
C ILE A 183 2.69 5.24 7.04
C ILE A 183 2.62 5.13 7.08
N GLN A 184 3.42 4.96 5.96
N GLN A 184 3.32 4.82 5.98
CA GLN A 184 3.13 5.50 4.61
CA GLN A 184 3.07 5.45 4.69
C GLN A 184 2.90 4.31 3.68
C GLN A 184 2.91 4.36 3.63
N VAL A 185 1.69 4.21 3.12
CA VAL A 185 1.40 3.16 2.14
C VAL A 185 1.98 3.56 0.80
N THR A 186 2.75 2.64 0.20
CA THR A 186 3.35 2.85 -1.11
C THR A 186 2.84 1.80 -2.09
N ASP A 187 3.15 2.07 -3.37
CA ASP A 187 2.84 1.18 -4.50
C ASP A 187 1.35 1.11 -4.80
N PHE A 188 0.94 2.04 -5.66
CA PHE A 188 -0.43 2.09 -6.13
C PHE A 188 -0.59 1.42 -7.51
N GLY A 189 0.34 0.52 -7.84
CA GLY A 189 0.32 -0.15 -9.14
C GLY A 189 -0.93 -0.98 -9.43
N PHE A 190 -1.66 -1.42 -8.39
CA PHE A 190 -2.91 -2.15 -8.60
C PHE A 190 -4.11 -1.33 -8.17
N ALA A 191 -3.95 -0.08 -7.75
CA ALA A 191 -5.09 0.70 -7.27
C ALA A 191 -5.94 1.15 -8.47
N LYS A 192 -7.25 1.24 -8.28
CA LYS A 192 -8.14 1.54 -9.40
C LYS A 192 -9.38 2.25 -8.88
N ARG A 193 -9.86 3.20 -9.66
CA ARG A 193 -11.16 3.81 -9.37
C ARG A 193 -12.27 2.94 -9.95
N VAL A 194 -13.14 2.43 -9.09
CA VAL A 194 -14.11 1.36 -9.41
C VAL A 194 -15.40 1.78 -8.69
N LYS A 195 -16.45 2.08 -9.45
CA LYS A 195 -17.80 2.13 -8.88
C LYS A 195 -18.39 0.80 -9.28
N GLY A 196 -18.54 -0.05 -8.32
CA GLY A 196 -19.13 -1.34 -8.47
C GLY A 196 -18.06 -2.41 -8.42
N ARG A 197 -18.02 -3.24 -9.46
CA ARG A 197 -17.16 -4.39 -9.47
C ARG A 197 -15.99 -4.19 -10.44
N THR A 198 -14.95 -5.00 -10.24
CA THR A 198 -13.84 -5.09 -11.18
C THR A 198 -13.40 -6.55 -11.22
N TRP A 199 -12.56 -6.88 -12.19
CA TRP A 199 -12.32 -8.28 -12.52
C TRP A 199 -10.85 -8.73 -12.62
N TPO A 200 -9.88 -7.82 -12.54
CA TPO A 200 -8.49 -8.24 -12.85
CB TPO A 200 -7.55 -7.03 -12.98
CG2 TPO A 200 -6.17 -7.45 -13.48
OG1 TPO A 200 -8.08 -6.18 -13.97
P TPO A 200 -8.59 -4.70 -13.44
O1P TPO A 200 -7.34 -3.97 -13.02
O2P TPO A 200 -9.31 -4.10 -14.66
O3P TPO A 200 -9.54 -4.95 -12.25
C TPO A 200 -7.92 -9.17 -11.78
O TPO A 200 -7.98 -8.88 -10.58
N LEU A 201 -7.18 -10.21 -12.15
CA LEU A 201 -6.46 -11.04 -11.18
C LEU A 201 -5.15 -10.31 -10.88
N CYS A 202 -5.00 -9.81 -9.67
CA CYS A 202 -3.78 -9.15 -9.27
C CYS A 202 -3.71 -9.15 -7.75
N GLY A 203 -2.49 -9.01 -7.24
CA GLY A 203 -2.19 -9.05 -5.82
C GLY A 203 -1.30 -10.22 -5.43
N THR A 204 -0.69 -10.16 -4.22
N THR A 204 -0.78 -10.16 -4.22
CA THR A 204 0.20 -11.25 -3.84
CA THR A 204 0.16 -11.21 -3.83
C THR A 204 -0.58 -12.43 -3.27
C THR A 204 -0.60 -12.42 -3.28
N PRO A 205 -0.19 -13.67 -3.60
CA PRO A 205 -1.02 -14.84 -3.22
C PRO A 205 -1.53 -14.89 -1.80
N GLU A 206 -0.65 -14.63 -0.82
CA GLU A 206 -1.09 -14.82 0.55
C GLU A 206 -2.21 -13.87 0.96
N TYR A 207 -2.38 -12.76 0.24
CA TYR A 207 -3.30 -11.68 0.61
C TYR A 207 -4.55 -11.67 -0.26
N LEU A 208 -4.71 -12.58 -1.22
CA LEU A 208 -5.85 -12.51 -2.14
C LEU A 208 -7.13 -13.03 -1.49
N ALA A 209 -8.22 -12.27 -1.67
CA ALA A 209 -9.53 -12.69 -1.18
C ALA A 209 -10.04 -13.84 -2.03
N PRO A 210 -10.92 -14.67 -1.46
CA PRO A 210 -11.45 -15.81 -2.25
C PRO A 210 -12.09 -15.41 -3.55
N GLU A 211 -12.82 -14.30 -3.56
CA GLU A 211 -13.53 -13.96 -4.79
C GLU A 211 -12.57 -13.55 -5.92
N ILE A 212 -11.33 -13.12 -5.58
CA ILE A 212 -10.34 -12.89 -6.63
C ILE A 212 -9.85 -14.22 -7.19
N ILE A 213 -9.49 -15.15 -6.29
CA ILE A 213 -9.03 -16.48 -6.69
C ILE A 213 -10.05 -17.19 -7.57
N LEU A 214 -11.35 -17.00 -7.26
CA LEU A 214 -12.43 -17.69 -7.97
C LEU A 214 -12.89 -16.95 -9.23
N SER A 215 -12.18 -15.89 -9.62
CA SER A 215 -12.41 -15.19 -10.88
C SER A 215 -13.79 -14.53 -10.94
N LYS A 216 -14.26 -14.00 -9.81
CA LYS A 216 -15.54 -13.32 -9.76
C LYS A 216 -15.34 -11.83 -10.01
N GLY A 217 -16.43 -11.13 -10.32
CA GLY A 217 -16.44 -9.69 -10.16
C GLY A 217 -16.38 -9.36 -8.67
N TYR A 218 -15.45 -8.51 -8.29
CA TYR A 218 -15.23 -8.24 -6.88
C TYR A 218 -15.19 -6.73 -6.62
N ASN A 219 -15.18 -6.35 -5.36
N ASN A 219 -15.24 -6.35 -5.34
CA ASN A 219 -15.34 -4.94 -5.00
CA ASN A 219 -15.41 -4.95 -4.97
C ASN A 219 -14.40 -4.62 -3.85
C ASN A 219 -14.43 -4.62 -3.85
N LYS A 220 -14.67 -3.48 -3.21
CA LYS A 220 -13.78 -2.99 -2.16
C LYS A 220 -13.67 -3.94 -0.96
N ALA A 221 -14.57 -4.92 -0.83
CA ALA A 221 -14.45 -5.89 0.25
C ALA A 221 -13.13 -6.65 0.19
N VAL A 222 -12.46 -6.73 -0.98
CA VAL A 222 -11.17 -7.46 -1.01
C VAL A 222 -10.12 -6.77 -0.16
N ASP A 223 -10.21 -5.43 -0.01
CA ASP A 223 -9.22 -4.72 0.80
C ASP A 223 -9.43 -5.06 2.29
N TRP A 224 -10.70 -5.27 2.71
CA TRP A 224 -10.96 -5.61 4.12
C TRP A 224 -10.51 -7.05 4.43
N TRP A 225 -10.69 -7.98 3.49
CA TRP A 225 -10.06 -9.31 3.62
C TRP A 225 -8.55 -9.17 3.80
N ALA A 226 -7.90 -8.41 2.93
CA ALA A 226 -6.46 -8.25 3.03
C ALA A 226 -6.06 -7.63 4.38
N LEU A 227 -6.87 -6.71 4.92
CA LEU A 227 -6.58 -6.19 6.25
C LEU A 227 -6.58 -7.31 7.30
N GLY A 228 -7.52 -8.27 7.19
CA GLY A 228 -7.50 -9.40 8.11
C GLY A 228 -6.24 -10.24 7.99
N VAL A 229 -5.75 -10.43 6.76
CA VAL A 229 -4.49 -11.17 6.57
C VAL A 229 -3.33 -10.40 7.20
N LEU A 230 -3.30 -9.06 7.01
CA LEU A 230 -2.21 -8.24 7.54
C LEU A 230 -2.22 -8.26 9.06
N ILE A 231 -3.38 -8.07 9.68
CA ILE A 231 -3.45 -8.08 11.15
C ILE A 231 -2.98 -9.44 11.70
N TYR A 232 -3.47 -10.53 11.10
CA TYR A 232 -3.01 -11.85 11.51
C TYR A 232 -1.49 -11.95 11.39
N GLU A 233 -0.93 -11.57 10.23
CA GLU A 233 0.52 -11.68 10.05
C GLU A 233 1.30 -10.81 11.04
N MET A 234 0.85 -9.58 11.29
CA MET A 234 1.55 -8.74 12.26
C MET A 234 1.55 -9.38 13.64
N ALA A 235 0.42 -9.96 14.06
CA ALA A 235 0.30 -10.46 15.44
C ALA A 235 0.87 -11.87 15.62
N ALA A 236 0.93 -12.67 14.53
CA ALA A 236 1.47 -14.02 14.63
C ALA A 236 2.90 -14.13 14.15
N GLY A 237 3.29 -13.29 13.19
CA GLY A 237 4.59 -13.36 12.55
C GLY A 237 4.61 -14.10 11.24
N TYR A 238 3.49 -14.68 10.81
CA TYR A 238 3.36 -15.42 9.57
C TYR A 238 1.90 -15.29 9.13
N PRO A 239 1.62 -15.48 7.84
CA PRO A 239 0.24 -15.24 7.36
C PRO A 239 -0.64 -16.44 7.61
N PRO A 240 -1.95 -16.23 7.61
CA PRO A 240 -2.89 -17.31 8.02
C PRO A 240 -3.04 -18.45 7.03
N PHE A 241 -2.79 -18.24 5.74
CA PHE A 241 -3.02 -19.27 4.74
C PHE A 241 -1.73 -19.80 4.16
N PHE A 242 -0.68 -19.74 4.96
CA PHE A 242 0.65 -20.07 4.49
C PHE A 242 0.74 -21.49 3.94
N ALA A 243 1.37 -21.61 2.77
CA ALA A 243 1.76 -22.90 2.22
C ALA A 243 2.87 -22.65 1.22
N ASP A 244 3.47 -23.76 0.72
CA ASP A 244 4.70 -23.69 -0.06
C ASP A 244 4.53 -23.17 -1.49
N GLN A 245 3.40 -23.43 -2.15
CA GLN A 245 3.19 -22.98 -3.51
C GLN A 245 1.82 -22.30 -3.61
N PRO A 246 1.65 -21.39 -4.58
CA PRO A 246 0.38 -20.66 -4.67
C PRO A 246 -0.86 -21.54 -4.75
N ILE A 247 -0.84 -22.65 -5.49
CA ILE A 247 -2.10 -23.39 -5.61
C ILE A 247 -2.55 -23.90 -4.24
N GLN A 248 -1.58 -24.26 -3.38
CA GLN A 248 -1.89 -24.72 -2.04
C GLN A 248 -2.38 -23.56 -1.15
N ILE A 249 -1.78 -22.38 -1.29
CA ILE A 249 -2.28 -21.20 -0.59
C ILE A 249 -3.73 -20.94 -0.99
N TYR A 250 -4.04 -21.01 -2.29
CA TYR A 250 -5.38 -20.70 -2.76
C TYR A 250 -6.39 -21.69 -2.19
N GLU A 251 -6.02 -22.97 -2.13
CA GLU A 251 -6.95 -23.96 -1.56
C GLU A 251 -7.26 -23.63 -0.11
N LYS A 252 -6.26 -23.16 0.67
CA LYS A 252 -6.52 -22.80 2.04
C LYS A 252 -7.40 -21.55 2.13
N ILE A 253 -7.15 -20.55 1.27
CA ILE A 253 -7.94 -19.31 1.32
C ILE A 253 -9.41 -19.62 1.07
N VAL A 254 -9.70 -20.43 0.05
CA VAL A 254 -11.13 -20.64 -0.28
C VAL A 254 -11.84 -21.55 0.72
N SER A 255 -11.09 -22.39 1.43
N SER A 255 -11.11 -22.21 1.63
CA SER A 255 -11.69 -23.07 2.56
CA SER A 255 -11.69 -23.30 2.43
C SER A 255 -11.93 -22.06 3.67
C SER A 255 -12.64 -22.83 3.54
N GLY A 256 -11.05 -21.05 3.77
N GLY A 256 -12.48 -21.60 4.03
CA GLY A 256 -11.00 -20.01 4.81
CA GLY A 256 -13.27 -21.14 5.15
C GLY A 256 -10.89 -20.65 6.18
C GLY A 256 -12.73 -21.50 6.52
N LYS A 257 -10.55 -21.93 6.26
N LYS A 257 -11.48 -21.99 6.61
CA LYS A 257 -10.27 -22.53 7.56
CA LYS A 257 -10.82 -22.31 7.88
C LYS A 257 -9.04 -21.87 8.14
C LYS A 257 -9.53 -21.51 8.04
N VAL A 258 -9.19 -21.23 9.30
CA VAL A 258 -8.07 -20.44 9.82
C VAL A 258 -7.79 -20.97 11.21
N ARG A 259 -6.52 -21.17 11.52
CA ARG A 259 -6.10 -21.59 12.86
C ARG A 259 -5.44 -20.40 13.54
N PHE A 260 -5.85 -20.10 14.74
CA PHE A 260 -5.27 -18.96 15.45
C PHE A 260 -4.30 -19.44 16.52
N PRO A 261 -3.14 -18.76 16.69
CA PRO A 261 -2.27 -19.04 17.84
C PRO A 261 -3.02 -18.82 19.16
N SER A 262 -2.72 -19.66 20.18
N SER A 262 -2.68 -19.66 20.16
CA SER A 262 -3.36 -19.48 21.47
CA SER A 262 -3.23 -19.52 21.50
C SER A 262 -2.99 -18.15 22.11
C SER A 262 -3.01 -18.13 22.05
N HIS A 263 -1.87 -17.51 21.71
CA HIS A 263 -1.62 -16.22 22.32
C HIS A 263 -2.50 -15.10 21.81
N PHE A 264 -3.23 -15.26 20.71
CA PHE A 264 -4.18 -14.23 20.28
C PHE A 264 -5.25 -14.02 21.37
N SER A 265 -5.60 -12.74 21.62
CA SER A 265 -6.76 -12.48 22.47
C SER A 265 -8.05 -12.97 21.81
N SER A 266 -9.07 -13.19 22.65
CA SER A 266 -10.40 -13.50 22.12
C SER A 266 -10.93 -12.39 21.23
N ASP A 267 -10.68 -11.13 21.58
CA ASP A 267 -11.15 -10.03 20.74
C ASP A 267 -10.48 -10.06 19.36
N LEU A 268 -9.17 -10.36 19.30
CA LEU A 268 -8.48 -10.42 18.03
C LEU A 268 -9.04 -11.54 17.17
N LYS A 269 -9.25 -12.72 17.76
N LYS A 269 -9.22 -12.73 17.76
CA LYS A 269 -9.80 -13.82 16.96
CA LYS A 269 -9.82 -13.83 17.02
C LYS A 269 -11.20 -13.47 16.43
C LYS A 269 -11.17 -13.44 16.43
N ASP A 270 -12.02 -12.80 17.26
CA ASP A 270 -13.37 -12.48 16.78
C ASP A 270 -13.30 -11.49 15.61
N LEU A 271 -12.45 -10.46 15.71
CA LEU A 271 -12.32 -9.51 14.59
C LEU A 271 -11.86 -10.23 13.33
N LEU A 272 -10.83 -11.11 13.49
CA LEU A 272 -10.28 -11.79 12.30
C LEU A 272 -11.27 -12.75 11.68
N ARG A 273 -12.13 -13.43 12.46
CA ARG A 273 -13.16 -14.27 11.84
C ARG A 273 -14.09 -13.45 10.95
N ASN A 274 -14.35 -12.21 11.33
CA ASN A 274 -15.25 -11.34 10.57
C ASN A 274 -14.58 -10.64 9.39
N LEU A 275 -13.25 -10.40 9.44
CA LEU A 275 -12.55 -9.88 8.24
C LEU A 275 -12.24 -11.00 7.24
N LEU A 276 -11.83 -12.16 7.73
CA LEU A 276 -11.51 -13.34 6.93
C LEU A 276 -12.75 -14.17 6.68
N GLN A 277 -13.86 -13.51 6.41
CA GLN A 277 -15.11 -14.20 6.06
C GLN A 277 -15.11 -14.46 4.56
N VAL A 278 -15.22 -15.73 4.16
N VAL A 278 -15.20 -15.74 4.17
CA VAL A 278 -15.12 -16.07 2.74
CA VAL A 278 -15.14 -16.08 2.75
C VAL A 278 -16.32 -15.62 1.94
C VAL A 278 -16.29 -15.46 1.97
N ASP A 279 -17.49 -15.44 2.56
CA ASP A 279 -18.66 -14.86 1.88
C ASP A 279 -18.57 -13.34 1.98
N LEU A 280 -18.29 -12.68 0.84
CA LEU A 280 -18.06 -11.26 0.85
C LEU A 280 -19.28 -10.50 1.36
N THR A 281 -20.47 -11.08 1.27
CA THR A 281 -21.65 -10.34 1.68
C THR A 281 -21.82 -10.34 3.19
N LYS A 282 -20.95 -11.08 3.91
CA LYS A 282 -20.99 -11.16 5.37
C LYS A 282 -19.72 -10.59 6.00
N ARG A 283 -18.84 -10.03 5.20
CA ARG A 283 -17.51 -9.62 5.66
C ARG A 283 -17.55 -8.22 6.27
N PHE A 284 -16.92 -8.07 7.45
CA PHE A 284 -16.81 -6.73 8.03
C PHE A 284 -16.11 -5.75 7.07
N GLY A 285 -16.64 -4.53 7.05
CA GLY A 285 -16.29 -3.52 6.08
C GLY A 285 -17.26 -3.46 4.91
N ASN A 286 -18.01 -4.56 4.67
CA ASN A 286 -18.92 -4.65 3.55
C ASN A 286 -20.36 -4.87 3.98
N LEU A 287 -20.70 -4.62 5.25
CA LEU A 287 -22.08 -4.70 5.71
C LEU A 287 -22.72 -3.31 5.66
N LYS A 288 -23.99 -3.24 6.10
CA LYS A 288 -24.72 -1.96 6.07
C LYS A 288 -23.95 -0.84 6.81
N ASN A 289 -23.28 -1.14 7.91
CA ASN A 289 -22.56 -0.12 8.66
C ASN A 289 -21.14 0.15 8.15
N GLY A 290 -20.71 -0.50 7.07
CA GLY A 290 -19.41 -0.22 6.45
C GLY A 290 -18.27 -0.30 7.45
N VAL A 291 -17.37 0.69 7.37
CA VAL A 291 -16.15 0.64 8.20
C VAL A 291 -16.47 0.75 9.69
N ASN A 292 -17.66 1.21 10.05
CA ASN A 292 -17.95 1.36 11.48
C ASN A 292 -18.06 0.03 12.23
N ASP A 293 -18.39 -1.08 11.56
CA ASP A 293 -18.34 -2.36 12.25
C ASP A 293 -16.91 -2.73 12.65
N ILE A 294 -15.93 -2.25 11.88
CA ILE A 294 -14.52 -2.47 12.27
C ILE A 294 -14.10 -1.49 13.36
N LYS A 295 -14.40 -0.19 13.16
CA LYS A 295 -13.94 0.82 14.12
C LYS A 295 -14.53 0.60 15.50
N ASN A 296 -15.75 0.06 15.58
CA ASN A 296 -16.44 -0.14 16.86
C ASN A 296 -16.23 -1.52 17.43
N HIS A 297 -15.43 -2.35 16.77
CA HIS A 297 -15.23 -3.69 17.30
C HIS A 297 -14.39 -3.61 18.59
N LYS A 298 -14.68 -4.54 19.52
CA LYS A 298 -13.97 -4.56 20.79
C LYS A 298 -12.43 -4.55 20.66
N TRP A 299 -11.86 -5.18 19.63
CA TRP A 299 -10.39 -5.16 19.56
C TRP A 299 -9.85 -3.74 19.43
N PHE A 300 -10.64 -2.82 18.85
CA PHE A 300 -10.26 -1.42 18.73
C PHE A 300 -10.80 -0.53 19.85
N ALA A 301 -11.29 -1.11 20.97
CA ALA A 301 -11.88 -0.27 22.01
C ALA A 301 -10.94 0.80 22.55
N THR A 302 -9.63 0.52 22.61
CA THR A 302 -8.67 1.48 23.17
C THR A 302 -8.17 2.50 22.14
N THR A 303 -8.57 2.36 20.87
CA THR A 303 -8.05 3.21 19.80
C THR A 303 -8.74 4.56 19.79
N ASP A 304 -7.93 5.63 19.87
CA ASP A 304 -8.41 7.00 19.69
C ASP A 304 -8.24 7.35 18.23
N TRP A 305 -9.33 7.21 17.46
CA TRP A 305 -9.23 7.33 15.99
C TRP A 305 -8.78 8.72 15.59
N ILE A 306 -9.29 9.76 16.26
CA ILE A 306 -8.91 11.12 15.92
C ILE A 306 -7.44 11.37 16.24
N ALA A 307 -6.98 10.89 17.40
CA ALA A 307 -5.58 11.08 17.75
C ALA A 307 -4.66 10.36 16.76
N ILE A 308 -5.06 9.19 16.28
CA ILE A 308 -4.23 8.49 15.28
C ILE A 308 -4.15 9.34 14.02
N TYR A 309 -5.32 9.81 13.52
CA TYR A 309 -5.34 10.62 12.29
C TYR A 309 -4.48 11.87 12.44
N GLN A 310 -4.53 12.53 13.63
CA GLN A 310 -3.74 13.71 13.90
C GLN A 310 -2.28 13.43 14.23
N ARG A 311 -1.87 12.15 14.29
CA ARG A 311 -0.49 11.75 14.59
C ARG A 311 -0.06 12.23 15.98
N LYS A 312 -0.98 12.18 16.94
CA LYS A 312 -0.73 12.61 18.30
C LYS A 312 -0.37 11.46 19.23
N VAL A 313 -0.56 10.21 18.81
CA VAL A 313 -0.20 9.05 19.61
C VAL A 313 1.31 8.84 19.49
N GLU A 314 1.97 8.57 20.61
CA GLU A 314 3.39 8.21 20.55
C GLU A 314 3.50 6.81 19.99
N ALA A 315 4.32 6.63 18.96
CA ALA A 315 4.33 5.32 18.29
C ALA A 315 5.04 4.25 19.10
N PRO A 316 4.72 2.99 18.86
CA PRO A 316 5.39 1.91 19.60
C PRO A 316 6.86 1.74 19.21
N PHE A 317 7.26 2.20 18.02
CA PHE A 317 8.56 1.87 17.48
C PHE A 317 9.02 3.01 16.57
N ILE A 318 10.21 3.52 16.81
CA ILE A 318 10.79 4.60 16.00
C ILE A 318 11.98 3.99 15.26
N PRO A 319 12.01 4.03 13.94
N PRO A 319 11.98 3.96 13.93
CA PRO A 319 13.10 3.37 13.21
CA PRO A 319 13.11 3.33 13.23
C PRO A 319 14.42 4.09 13.44
C PRO A 319 14.41 4.05 13.57
N LYS A 320 15.51 3.31 13.49
CA LYS A 320 16.86 3.86 13.71
C LYS A 320 17.48 4.23 12.36
N PHE A 321 17.78 5.51 12.19
CA PHE A 321 18.43 5.96 10.95
C PHE A 321 19.16 7.26 11.26
N LYS A 322 20.13 7.62 10.40
CA LYS A 322 21.02 8.72 10.75
C LYS A 322 20.61 10.07 10.15
N GLY A 323 19.74 10.06 9.15
CA GLY A 323 19.39 11.28 8.44
C GLY A 323 18.59 10.94 7.21
N PRO A 324 18.16 11.97 6.46
CA PRO A 324 17.24 11.73 5.33
C PRO A 324 17.90 11.08 4.15
N GLY A 325 19.21 10.90 4.15
CA GLY A 325 19.83 10.15 3.08
C GLY A 325 20.23 8.74 3.50
N ASP A 326 19.94 8.33 4.73
N ASP A 326 19.95 8.34 4.75
CA ASP A 326 20.36 7.03 5.22
CA ASP A 326 20.31 7.02 5.25
C ASP A 326 19.47 5.93 4.63
C ASP A 326 19.46 5.97 4.53
N THR A 327 20.12 4.92 4.03
CA THR A 327 19.42 3.82 3.39
C THR A 327 19.58 2.50 4.14
N SER A 328 20.09 2.55 5.38
N SER A 328 20.11 2.53 5.38
CA SER A 328 20.40 1.35 6.16
CA SER A 328 20.42 1.30 6.11
C SER A 328 19.21 0.44 6.34
C SER A 328 19.21 0.44 6.41
N ASN A 329 18.00 1.00 6.39
CA ASN A 329 16.81 0.18 6.63
C ASN A 329 16.29 -0.49 5.38
N PHE A 330 16.93 -0.27 4.23
CA PHE A 330 16.60 -0.96 2.99
C PHE A 330 17.76 -1.88 2.62
N ASP A 331 17.44 -2.82 1.73
N ASP A 331 17.49 -2.90 1.82
CA ASP A 331 18.29 -3.94 1.32
CA ASP A 331 18.54 -3.87 1.56
C ASP A 331 19.25 -3.52 0.19
C ASP A 331 19.17 -3.60 0.19
N ASP A 332 20.17 -4.40 -0.16
CA ASP A 332 21.10 -4.14 -1.25
C ASP A 332 20.71 -4.91 -2.51
N TYR A 333 20.66 -4.19 -3.63
CA TYR A 333 20.31 -4.77 -4.90
C TYR A 333 21.42 -4.45 -5.88
N GLU A 334 21.57 -5.27 -6.92
CA GLU A 334 22.51 -4.96 -8.00
C GLU A 334 22.15 -3.60 -8.61
N GLU A 335 23.15 -2.74 -8.79
CA GLU A 335 22.93 -1.38 -9.28
C GLU A 335 23.05 -1.36 -10.79
N GLU A 336 21.96 -1.02 -11.49
CA GLU A 336 21.93 -0.96 -12.94
C GLU A 336 21.69 0.48 -13.38
N GLU A 337 22.15 0.80 -14.58
CA GLU A 337 21.98 2.12 -15.14
C GLU A 337 20.53 2.43 -15.45
N ILE A 338 20.24 3.73 -15.56
CA ILE A 338 18.95 4.21 -16.09
C ILE A 338 19.22 4.63 -17.52
N ARG A 339 18.88 3.76 -18.45
CA ARG A 339 19.15 4.03 -19.85
C ARG A 339 17.94 4.66 -20.54
N VAL A 340 18.24 5.61 -21.40
CA VAL A 340 17.18 6.32 -22.11
C VAL A 340 17.49 6.24 -23.61
N SEP A 341 16.62 5.61 -24.39
CA SEP A 341 16.86 5.43 -25.80
CB SEP A 341 15.78 4.54 -26.38
OG SEP A 341 15.86 4.45 -27.81
C SEP A 341 16.91 6.75 -26.54
O SEP A 341 16.32 7.74 -26.11
P SEP A 341 16.91 3.36 -28.41
O1P SEP A 341 16.31 2.91 -29.82
O2P SEP A 341 18.28 4.15 -28.50
O3P SEP A 341 16.96 2.09 -27.45
N ILE A 342 17.65 6.74 -27.65
CA ILE A 342 17.67 7.86 -28.52
C ILE A 342 16.33 8.04 -29.25
N ASN A 343 15.50 6.99 -29.28
CA ASN A 343 14.21 7.00 -30.00
C ASN A 343 13.05 6.83 -29.03
N GLU A 344 11.93 7.51 -29.29
CA GLU A 344 10.77 7.40 -28.41
C GLU A 344 10.15 6.00 -28.51
N LYS A 345 9.89 5.38 -27.35
CA LYS A 345 9.23 4.08 -27.30
C LYS A 345 7.83 4.23 -26.73
N CYS A 346 6.86 3.56 -27.37
CA CYS A 346 5.50 3.43 -26.80
C CYS A 346 4.83 4.78 -26.52
N GLY A 347 5.10 5.77 -27.35
CA GLY A 347 4.60 7.10 -27.09
C GLY A 347 3.07 7.11 -27.01
N LYS A 348 2.40 6.42 -27.94
CA LYS A 348 0.95 6.46 -28.00
C LYS A 348 0.32 5.89 -26.74
N GLU A 349 0.84 4.73 -26.28
CA GLU A 349 0.24 4.06 -25.13
C GLU A 349 0.27 4.94 -23.89
N PHE A 350 1.32 5.76 -23.74
CA PHE A 350 1.51 6.52 -22.51
C PHE A 350 1.25 8.01 -22.67
N THR A 351 0.45 8.38 -23.68
CA THR A 351 0.18 9.79 -23.95
C THR A 351 -0.32 10.53 -22.72
N GLU A 352 -1.21 9.92 -21.93
CA GLU A 352 -1.80 10.64 -20.82
C GLU A 352 -0.88 10.77 -19.62
N PHE A 353 0.22 10.03 -19.56
CA PHE A 353 1.06 10.06 -18.36
C PHE A 353 1.77 11.44 -18.27
C12 A1JEP B . 10.57 3.65 -0.54
C10 A1JEP B . 9.74 5.87 -0.37
C11 A1JEP B . 10.64 4.90 0.02
C01 A1JEP B . 7.88 -1.88 -6.34
C02 A1JEP B . 8.91 -1.96 -7.47
C03 A1JEP B . 10.24 -1.85 -6.76
C04 A1JEP B . 8.54 -0.83 -5.44
C05 A1JEP B . 8.06 -0.78 -3.98
C06 A1JEP B . 8.64 1.40 -2.83
C07 A1JEP B . 9.62 3.31 -1.50
C08 A1JEP B . 8.73 4.30 -1.92
C09 A1JEP B . 8.81 5.56 -1.35
N01 A1JEP B . 7.68 -3.20 -5.76
N02 A1JEP B . 8.93 0.08 -3.13
N03 A1JEP B . 9.57 2.00 -2.02
O01 A1JEP B . 8.79 -0.81 -8.34
O02 A1JEP B . 9.95 -1.29 -5.48
O03 A1JEP B . 7.65 1.97 -3.32
C12 A1JEP C . 1.27 3.57 21.25
C10 A1JEP C . 0.42 1.39 20.76
C11 A1JEP C . 0.33 2.75 20.69
C01 A1JEP C . 8.02 3.58 22.41
C02 A1JEP C . 9.54 3.65 22.22
C03 A1JEP C . 10.04 4.12 23.57
C04 A1JEP C . 7.76 4.70 23.43
C05 A1JEP C . 6.48 4.60 24.28
C06 A1JEP C . 4.55 3.51 23.09
C07 A1JEP C . 2.36 3.06 21.86
C08 A1JEP C . 2.45 1.69 21.93
C09 A1JEP C . 1.50 0.87 21.40
N01 A1JEP C . 7.61 2.25 22.84
N02 A1JEP C . 5.20 4.64 23.53
N03 A1JEP C . 3.35 3.85 22.44
O01 A1JEP C . 9.88 4.58 21.18
O02 A1JEP C . 8.87 4.52 24.34
O03 A1JEP C . 5.03 2.40 23.22
S DMS D . 19.72 -1.39 10.97
O DMS D . 18.25 -1.26 10.69
C1 DMS D . 20.47 -1.85 9.39
C2 DMS D . 20.35 0.30 11.03
S DMS E . -11.07 10.77 9.79
O DMS E . -10.10 10.37 8.71
C1 DMS E . -11.17 12.58 9.77
C2 DMS E . -12.69 10.42 9.11
S DMS F . -5.89 -18.13 -9.78
O DMS F . -7.09 -17.77 -10.63
C1 DMS F . -5.99 -19.91 -9.48
C2 DMS F . -4.47 -18.13 -10.90
S DMS G . 20.36 9.89 -13.08
O DMS G . 19.98 11.30 -13.51
C1 DMS G . 19.07 9.33 -11.96
C2 DMS G . 20.17 8.78 -14.48
S DMS H . -1.52 -13.16 -8.94
O DMS H . -0.99 -12.84 -10.31
C1 DMS H . -2.35 -14.75 -9.11
C2 DMS H . -0.08 -13.72 -8.00
S DMS I . 9.53 20.45 -15.87
O DMS I . 10.97 20.38 -15.36
C1 DMS I . 9.53 19.40 -17.32
C2 DMS I . 9.35 22.01 -16.74
S DMS J . -6.57 5.91 -15.83
O DMS J . -6.56 7.25 -16.52
C1 DMS J . -6.23 4.73 -17.12
C2 DMS J . -8.34 5.56 -15.80
S DMS K . -3.85 4.88 20.83
O DMS K . -4.97 4.88 19.83
C1 DMS K . -3.95 3.37 21.82
C2 DMS K . -4.49 5.97 22.14
#